data_7O5D
#
_entry.id   7O5D
#
_cell.length_a   82.742
_cell.length_b   112.517
_cell.length_c   62.630
_cell.angle_alpha   90.000
_cell.angle_beta   90.000
_cell.angle_gamma   90.000
#
_symmetry.space_group_name_H-M   'C 2 2 21'
#
loop_
_entity.id
_entity.type
_entity.pdbx_description
1 polymer '14-3-3 protein sigma'
2 polymer 'Transcription factor p65'
3 non-polymer 'CHLORIDE ION'
4 non-polymer 4-methanoyl-~{N}-[(4-methoxyphenyl)methyl]benzamide
5 non-polymer 'MAGNESIUM ION'
6 non-polymer GLYCEROL
7 water water
#
loop_
_entity_poly.entity_id
_entity_poly.type
_entity_poly.pdbx_seq_one_letter_code
_entity_poly.pdbx_strand_id
1 'polypeptide(L)'
;GAMGSMERASLIQKAKLAEQAERYEDMAAFMKGAVEKGEELS(CSO)EERNLLSVAYKNVVGGQRAAWRVLSSIEQKSNE
EGSEEKGPEVREYREKVETELQGVCDTVLGLLDSHLIKEAGDAESRVFYLKMKGDYYRYLAEVATGDDKKRIIDSARSAY
QEAMDISKKEMPPTNPIRLGLALNFSVFHYEIANSPEEAISLAKTTFDEAMADLHTLSEDSYKDSTLIMQLLRDNLTLWT
;
A
2 'polypeptide(L)' EGRSAG(SEP)IPGRRS P
#
loop_
_chem_comp.id
_chem_comp.type
_chem_comp.name
_chem_comp.formula
CL non-polymer 'CHLORIDE ION' 'Cl -1'
GOL non-polymer GLYCEROL 'C3 H8 O3'
MG non-polymer 'MAGNESIUM ION' 'Mg 2'
V2W non-polymer 4-methanoyl-~{N}-[(4-methoxyphenyl)methyl]benzamide 'C16 H15 N O3'
#
# COMPACT_ATOMS: atom_id res chain seq x y z
N MET A 3 11.25 -6.09 -19.90
CA MET A 3 12.60 -5.83 -19.40
C MET A 3 13.42 -7.10 -19.35
N GLY A 4 12.99 -8.10 -20.12
CA GLY A 4 13.63 -9.41 -20.06
C GLY A 4 15.09 -9.41 -20.47
N SER A 5 15.49 -8.48 -21.33
N SER A 5 15.49 -8.46 -21.32
CA SER A 5 16.89 -8.46 -21.76
CA SER A 5 16.87 -8.42 -21.78
C SER A 5 17.80 -7.64 -20.85
C SER A 5 17.80 -7.63 -20.86
N MET A 6 17.27 -6.93 -19.86
CA MET A 6 18.13 -6.16 -18.96
C MET A 6 18.52 -6.95 -17.70
N GLU A 7 19.77 -6.79 -17.27
CA GLU A 7 20.25 -7.45 -16.05
C GLU A 7 19.44 -7.01 -14.82
N ARG A 8 19.22 -7.96 -13.90
CA ARG A 8 18.52 -7.62 -12.66
C ARG A 8 19.18 -6.46 -11.94
N ALA A 9 20.52 -6.47 -11.82
CA ALA A 9 21.19 -5.40 -11.07
C ALA A 9 21.00 -4.05 -11.76
N SER A 10 21.02 -4.04 -13.09
CA SER A 10 20.78 -2.82 -13.86
C SER A 10 19.36 -2.29 -13.70
N LEU A 11 18.37 -3.20 -13.66
CA LEU A 11 17.00 -2.78 -13.38
C LEU A 11 16.91 -2.11 -12.00
N ILE A 12 17.56 -2.68 -11.00
N ILE A 12 17.55 -2.68 -10.99
CA ILE A 12 17.52 -2.10 -9.66
CA ILE A 12 17.51 -2.09 -9.65
C ILE A 12 18.20 -0.74 -9.64
C ILE A 12 18.20 -0.74 -9.64
N GLN A 13 19.38 -0.66 -10.26
CA GLN A 13 20.09 0.62 -10.33
C GLN A 13 19.26 1.68 -11.04
N LYS A 14 18.59 1.30 -12.14
CA LYS A 14 17.76 2.28 -12.85
C LYS A 14 16.50 2.63 -12.07
N ALA A 15 15.93 1.70 -11.29
CA ALA A 15 14.81 2.07 -10.42
C ALA A 15 15.23 3.16 -9.44
N LYS A 16 16.46 3.06 -8.90
CA LYS A 16 16.90 4.08 -7.95
C LYS A 16 17.11 5.41 -8.64
N LEU A 17 17.65 5.39 -9.85
CA LEU A 17 17.78 6.61 -10.63
C LEU A 17 16.42 7.23 -10.95
N ALA A 18 15.45 6.40 -11.32
CA ALA A 18 14.12 6.90 -11.64
C ALA A 18 13.49 7.54 -10.43
N GLU A 19 13.70 6.95 -9.24
CA GLU A 19 13.18 7.57 -8.03
C GLU A 19 13.79 8.96 -7.83
N GLN A 20 15.11 9.08 -8.03
CA GLN A 20 15.75 10.39 -7.87
C GLN A 20 15.21 11.40 -8.85
N ALA A 21 14.85 10.96 -10.07
CA ALA A 21 14.32 11.81 -11.11
C ALA A 21 12.80 11.98 -11.02
N GLU A 22 12.18 11.41 -10.00
CA GLU A 22 10.73 11.42 -9.83
C GLU A 22 10.02 10.89 -11.07
N ARG A 23 10.60 9.86 -11.68
CA ARG A 23 9.99 9.18 -12.83
C ARG A 23 9.39 7.87 -12.35
N TYR A 24 8.22 7.96 -11.71
CA TYR A 24 7.71 6.78 -10.99
C TYR A 24 7.15 5.72 -11.91
N GLU A 25 6.60 6.09 -13.07
N GLU A 25 6.60 6.09 -13.07
CA GLU A 25 6.16 5.07 -14.00
CA GLU A 25 6.17 5.07 -14.02
C GLU A 25 7.35 4.23 -14.49
C GLU A 25 7.35 4.23 -14.47
N ASP A 26 8.47 4.89 -14.81
CA ASP A 26 9.68 4.15 -15.17
C ASP A 26 10.14 3.29 -14.00
N MET A 27 10.16 3.87 -12.81
CA MET A 27 10.60 3.13 -11.61
C MET A 27 9.81 1.83 -11.49
N ALA A 28 8.47 1.93 -11.66
CA ALA A 28 7.61 0.76 -11.49
C ALA A 28 7.90 -0.28 -12.56
N ALA A 29 8.09 0.16 -13.80
CA ALA A 29 8.40 -0.80 -14.86
C ALA A 29 9.73 -1.49 -14.61
N PHE A 30 10.73 -0.76 -14.10
CA PHE A 30 12.03 -1.38 -13.79
C PHE A 30 11.88 -2.41 -12.67
N MET A 31 11.17 -2.04 -11.59
CA MET A 31 10.94 -2.98 -10.49
C MET A 31 10.09 -4.17 -10.91
N LYS A 32 9.08 -3.96 -11.78
CA LYS A 32 8.35 -5.09 -12.33
C LYS A 32 9.28 -6.05 -13.06
N GLY A 33 10.16 -5.50 -13.90
CA GLY A 33 11.18 -6.34 -14.53
C GLY A 33 12.07 -7.05 -13.52
N ALA A 34 12.49 -6.36 -12.46
CA ALA A 34 13.32 -7.04 -11.45
C ALA A 34 12.57 -8.20 -10.79
N VAL A 35 11.31 -7.97 -10.41
CA VAL A 35 10.51 -9.05 -9.80
C VAL A 35 10.42 -10.24 -10.75
N GLU A 36 10.14 -9.97 -12.03
CA GLU A 36 9.98 -11.05 -12.99
C GLU A 36 11.27 -11.81 -13.29
N LYS A 37 12.42 -11.36 -12.78
CA LYS A 37 13.61 -12.22 -12.85
C LYS A 37 13.46 -13.47 -12.01
N GLY A 38 12.53 -13.50 -11.06
CA GLY A 38 12.19 -14.70 -10.34
C GLY A 38 12.90 -14.90 -9.02
N GLU A 39 13.86 -14.04 -8.69
CA GLU A 39 14.56 -14.11 -7.42
C GLU A 39 13.78 -13.35 -6.34
N GLU A 40 13.95 -13.77 -5.07
CA GLU A 40 13.36 -13.00 -3.99
C GLU A 40 13.94 -11.60 -3.95
N LEU A 41 13.23 -10.69 -3.28
CA LEU A 41 13.65 -9.30 -3.16
C LEU A 41 14.22 -9.02 -1.77
N SER A 42 15.28 -8.22 -1.73
CA SER A 42 15.83 -7.78 -0.44
C SER A 42 14.94 -6.73 0.18
N CSO A 43 15.25 -6.33 1.42
N CSO A 43 15.25 -6.33 1.41
CA CSO A 43 14.47 -5.33 2.13
CA CSO A 43 14.43 -5.34 2.12
CB CSO A 43 15.09 -5.09 3.52
CB CSO A 43 14.94 -5.17 3.55
SG CSO A 43 14.19 -3.84 4.45
SG CSO A 43 14.18 -3.75 4.37
C CSO A 43 14.42 -4.04 1.31
C CSO A 43 14.41 -4.01 1.36
O CSO A 43 13.35 -3.48 1.05
O CSO A 43 13.36 -3.39 1.18
OD CSO A 43 14.93 -2.25 4.15
OD CSO A 43 12.65 -4.20 5.13
N GLU A 44 15.58 -3.58 0.90
CA GLU A 44 15.69 -2.37 0.07
C GLU A 44 14.90 -2.50 -1.24
N GLU A 45 15.00 -3.66 -1.87
CA GLU A 45 14.30 -3.87 -3.15
C GLU A 45 12.79 -3.89 -2.96
N ARG A 46 12.31 -4.50 -1.87
CA ARG A 46 10.88 -4.43 -1.57
C ARG A 46 10.42 -3.00 -1.41
N ASN A 47 11.23 -2.16 -0.75
CA ASN A 47 10.86 -0.75 -0.62
C ASN A 47 10.78 -0.07 -1.98
N LEU A 48 11.74 -0.36 -2.89
CA LEU A 48 11.69 0.25 -4.22
C LEU A 48 10.42 -0.15 -4.96
N LEU A 49 10.05 -1.42 -4.89
CA LEU A 49 8.84 -1.90 -5.55
C LEU A 49 7.64 -1.16 -5.02
N SER A 50 7.55 -1.05 -3.69
CA SER A 50 6.39 -0.44 -3.04
C SER A 50 6.30 1.05 -3.31
N VAL A 51 7.43 1.77 -3.19
CA VAL A 51 7.44 3.21 -3.45
C VAL A 51 7.02 3.49 -4.88
N ALA A 52 7.54 2.72 -5.83
CA ALA A 52 7.23 2.96 -7.23
C ALA A 52 5.72 2.87 -7.48
N TYR A 53 5.12 1.77 -7.09
CA TYR A 53 3.72 1.59 -7.43
C TYR A 53 2.83 2.47 -6.58
N LYS A 54 3.25 2.79 -5.35
CA LYS A 54 2.41 3.65 -4.51
C LYS A 54 2.31 5.03 -5.12
N ASN A 55 3.42 5.53 -5.69
CA ASN A 55 3.39 6.82 -6.35
C ASN A 55 2.55 6.79 -7.61
N VAL A 56 2.69 5.71 -8.42
CA VAL A 56 1.91 5.63 -9.66
C VAL A 56 0.42 5.62 -9.35
N VAL A 57 -0.01 4.71 -8.48
N VAL A 57 -0.02 4.68 -8.51
CA VAL A 57 -1.43 4.60 -8.19
CA VAL A 57 -1.43 4.60 -8.16
C VAL A 57 -1.90 5.80 -7.37
C VAL A 57 -1.88 5.84 -7.42
N GLY A 58 -0.99 6.42 -6.60
CA GLY A 58 -1.37 7.62 -5.86
C GLY A 58 -1.77 8.75 -6.78
N GLY A 59 -1.02 8.95 -7.86
CA GLY A 59 -1.43 9.90 -8.88
C GLY A 59 -2.75 9.56 -9.54
N GLN A 60 -2.97 8.27 -9.85
CA GLN A 60 -4.22 7.87 -10.47
C GLN A 60 -5.39 8.07 -9.52
N ARG A 61 -5.19 7.75 -8.24
CA ARG A 61 -6.28 7.96 -7.27
C ARG A 61 -6.64 9.43 -7.18
N ALA A 62 -5.63 10.31 -7.11
CA ALA A 62 -5.91 11.74 -7.03
C ALA A 62 -6.69 12.21 -8.24
N ALA A 63 -6.27 11.78 -9.43
CA ALA A 63 -7.00 12.15 -10.66
C ALA A 63 -8.43 11.61 -10.64
N TRP A 64 -8.59 10.34 -10.25
CA TRP A 64 -9.92 9.76 -10.22
C TRP A 64 -10.84 10.55 -9.28
N ARG A 65 -10.31 11.01 -8.14
CA ARG A 65 -11.16 11.75 -7.20
C ARG A 65 -11.57 13.10 -7.76
N VAL A 66 -10.65 13.78 -8.46
CA VAL A 66 -11.01 15.03 -9.13
C VAL A 66 -12.14 14.79 -10.12
N LEU A 67 -11.99 13.77 -10.96
CA LEU A 67 -12.98 13.52 -12.00
C LEU A 67 -14.30 13.02 -11.40
N SER A 68 -14.24 12.16 -10.39
N SER A 68 -14.25 12.15 -10.39
CA SER A 68 -15.47 11.66 -9.76
CA SER A 68 -15.48 11.67 -9.78
C SER A 68 -16.26 12.81 -9.14
C SER A 68 -16.26 12.81 -9.15
N SER A 69 -15.56 13.77 -8.57
CA SER A 69 -16.21 14.94 -7.98
C SER A 69 -16.89 15.78 -9.04
N ILE A 70 -16.21 16.03 -10.16
CA ILE A 70 -16.84 16.76 -11.28
C ILE A 70 -18.06 15.99 -11.78
N GLU A 71 -17.92 14.67 -11.92
CA GLU A 71 -19.01 13.85 -12.43
C GLU A 71 -20.23 13.97 -11.52
N GLN A 72 -20.02 13.93 -10.20
CA GLN A 72 -21.15 14.00 -9.29
C GLN A 72 -21.80 15.38 -9.30
N LYS A 73 -21.02 16.44 -9.47
CA LYS A 73 -21.62 17.76 -9.60
C LYS A 73 -22.52 17.82 -10.84
N SER A 74 -22.10 17.20 -11.94
CA SER A 74 -22.91 17.21 -13.16
C SER A 74 -24.16 16.37 -12.97
N GLY A 83 -22.73 16.17 -21.40
CA GLY A 83 -22.48 15.01 -22.25
C GLY A 83 -21.83 13.84 -21.53
N PRO A 84 -21.48 12.80 -22.29
CA PRO A 84 -20.85 11.62 -21.69
C PRO A 84 -19.38 11.81 -21.34
N GLU A 85 -18.80 12.99 -21.60
CA GLU A 85 -17.35 13.11 -21.60
C GLU A 85 -16.76 12.91 -20.21
N VAL A 86 -17.35 13.51 -19.18
N VAL A 86 -17.34 13.51 -19.16
CA VAL A 86 -16.78 13.40 -17.84
CA VAL A 86 -16.75 13.40 -17.84
C VAL A 86 -16.81 11.95 -17.37
C VAL A 86 -16.81 11.96 -17.34
N ARG A 87 -17.95 11.28 -17.55
CA ARG A 87 -18.05 9.87 -17.21
C ARG A 87 -17.06 9.05 -18.03
N GLU A 88 -16.97 9.32 -19.33
CA GLU A 88 -16.07 8.53 -20.17
C GLU A 88 -14.63 8.66 -19.69
N TYR A 89 -14.22 9.89 -19.34
CA TYR A 89 -12.83 10.11 -18.97
C TYR A 89 -12.55 9.57 -17.57
N ARG A 90 -13.50 9.71 -16.64
CA ARG A 90 -13.35 9.08 -15.34
C ARG A 90 -13.21 7.56 -15.49
N GLU A 91 -13.99 6.97 -16.42
N GLU A 91 -13.98 6.98 -16.42
CA GLU A 91 -13.91 5.54 -16.68
CA GLU A 91 -13.89 5.55 -16.68
C GLU A 91 -12.53 5.16 -17.23
C GLU A 91 -12.52 5.16 -17.21
N LYS A 92 -11.96 5.98 -18.11
CA LYS A 92 -10.64 5.68 -18.65
C LYS A 92 -9.60 5.69 -17.55
N VAL A 93 -9.61 6.72 -16.71
CA VAL A 93 -8.67 6.78 -15.59
C VAL A 93 -8.90 5.62 -14.64
N GLU A 94 -10.16 5.32 -14.35
CA GLU A 94 -10.50 4.20 -13.48
C GLU A 94 -9.95 2.87 -14.02
N THR A 95 -10.11 2.64 -15.31
CA THR A 95 -9.60 1.40 -15.90
C THR A 95 -8.08 1.32 -15.82
N GLU A 96 -7.40 2.44 -16.03
N GLU A 96 -7.40 2.46 -16.03
CA GLU A 96 -5.93 2.45 -15.93
CA GLU A 96 -5.95 2.47 -15.94
C GLU A 96 -5.50 2.15 -14.51
C GLU A 96 -5.49 2.19 -14.52
N LEU A 97 -6.17 2.78 -13.53
CA LEU A 97 -5.89 2.50 -12.12
C LEU A 97 -6.09 1.02 -11.80
N GLN A 98 -7.22 0.45 -12.25
CA GLN A 98 -7.45 -0.97 -12.00
C GLN A 98 -6.37 -1.83 -12.64
N GLY A 99 -5.88 -1.42 -13.81
CA GLY A 99 -4.85 -2.20 -14.45
C GLY A 99 -3.56 -2.22 -13.65
N VAL A 100 -3.20 -1.07 -13.06
CA VAL A 100 -2.02 -1.01 -12.22
C VAL A 100 -2.20 -1.85 -10.96
N CYS A 101 -3.37 -1.75 -10.31
CA CYS A 101 -3.62 -2.58 -9.14
C CYS A 101 -3.52 -4.05 -9.50
N ASP A 102 -4.11 -4.44 -10.63
CA ASP A 102 -4.06 -5.86 -11.04
C ASP A 102 -2.63 -6.28 -11.31
N THR A 103 -1.81 -5.39 -11.87
CA THR A 103 -0.42 -5.74 -12.14
C THR A 103 0.35 -6.04 -10.85
N VAL A 104 0.20 -5.16 -9.86
CA VAL A 104 0.87 -5.35 -8.57
C VAL A 104 0.38 -6.62 -7.91
N LEU A 105 -0.94 -6.81 -7.87
CA LEU A 105 -1.49 -8.03 -7.28
C LEU A 105 -0.97 -9.27 -7.99
N GLY A 106 -0.80 -9.18 -9.32
CA GLY A 106 -0.25 -10.31 -10.05
C GLY A 106 1.19 -10.60 -9.66
N LEU A 107 1.98 -9.56 -9.39
CA LEU A 107 3.37 -9.78 -8.97
C LEU A 107 3.40 -10.43 -7.59
N LEU A 108 2.52 -9.98 -6.69
CA LEU A 108 2.46 -10.59 -5.35
C LEU A 108 2.09 -12.05 -5.45
N ASP A 109 1.15 -12.38 -6.34
CA ASP A 109 0.65 -13.74 -6.47
C ASP A 109 1.56 -14.62 -7.30
N SER A 110 2.45 -14.02 -8.11
CA SER A 110 3.32 -14.77 -9.01
C SER A 110 4.73 -14.15 -9.05
N HIS A 111 5.57 -14.44 -8.04
CA HIS A 111 5.30 -15.40 -6.98
C HIS A 111 5.88 -14.90 -5.66
N LEU A 112 5.72 -13.60 -5.40
CA LEU A 112 6.42 -12.99 -4.27
C LEU A 112 5.93 -13.58 -2.94
N ILE A 113 4.61 -13.65 -2.75
CA ILE A 113 4.10 -14.02 -1.44
C ILE A 113 4.43 -15.48 -1.13
N LYS A 114 4.24 -16.37 -2.10
CA LYS A 114 4.44 -17.77 -1.79
C LYS A 114 5.90 -18.08 -1.46
N GLU A 115 6.84 -17.28 -1.96
CA GLU A 115 8.22 -17.54 -1.59
C GLU A 115 8.66 -16.73 -0.37
N ALA A 116 7.81 -15.92 0.23
CA ALA A 116 8.24 -15.08 1.35
C ALA A 116 8.01 -15.83 2.67
N GLY A 117 9.09 -16.20 3.34
CA GLY A 117 9.00 -16.96 4.59
C GLY A 117 9.31 -16.17 5.86
N ASP A 118 10.15 -15.15 5.74
CA ASP A 118 10.47 -14.34 6.90
C ASP A 118 9.34 -13.39 7.19
N ALA A 119 9.11 -13.11 8.47
CA ALA A 119 8.06 -12.19 8.85
C ALA A 119 8.18 -10.84 8.13
N GLU A 120 9.39 -10.29 8.03
CA GLU A 120 9.54 -8.95 7.46
C GLU A 120 9.09 -8.92 6.00
N SER A 121 9.40 -9.96 5.22
CA SER A 121 8.95 -9.96 3.83
C SER A 121 7.49 -10.36 3.71
N ARG A 122 7.06 -11.39 4.45
CA ARG A 122 5.70 -11.88 4.26
C ARG A 122 4.67 -10.83 4.71
N VAL A 123 4.90 -10.19 5.87
CA VAL A 123 3.97 -9.15 6.32
C VAL A 123 3.97 -7.99 5.34
N PHE A 124 5.14 -7.62 4.83
CA PHE A 124 5.23 -6.50 3.89
C PHE A 124 4.41 -6.78 2.63
N TYR A 125 4.56 -7.98 2.06
CA TYR A 125 3.83 -8.28 0.83
C TYR A 125 2.33 -8.38 1.10
N LEU A 126 1.94 -8.93 2.26
CA LEU A 126 0.51 -9.06 2.51
C LEU A 126 -0.13 -7.70 2.77
N LYS A 127 0.61 -6.79 3.43
CA LYS A 127 0.12 -5.42 3.57
C LYS A 127 -0.09 -4.79 2.19
N MET A 128 0.87 -4.97 1.29
CA MET A 128 0.73 -4.54 -0.10
C MET A 128 -0.54 -5.10 -0.74
N LYS A 129 -0.77 -6.40 -0.55
CA LYS A 129 -1.95 -7.02 -1.14
C LYS A 129 -3.22 -6.38 -0.60
N GLY A 130 -3.29 -6.16 0.70
CA GLY A 130 -4.44 -5.45 1.26
C GLY A 130 -4.58 -4.05 0.68
N ASP A 131 -3.46 -3.34 0.54
CA ASP A 131 -3.50 -1.97 0.03
C ASP A 131 -4.07 -1.94 -1.40
N TYR A 132 -3.59 -2.84 -2.29
CA TYR A 132 -4.03 -2.70 -3.68
C TYR A 132 -5.46 -3.21 -3.87
N TYR A 133 -5.92 -4.17 -3.06
CA TYR A 133 -7.37 -4.44 -3.05
C TYR A 133 -8.14 -3.26 -2.47
N ARG A 134 -7.57 -2.58 -1.48
CA ARG A 134 -8.25 -1.39 -0.96
C ARG A 134 -8.41 -0.33 -2.04
N TYR A 135 -7.37 -0.12 -2.86
CA TYR A 135 -7.51 0.85 -3.95
C TYR A 135 -8.56 0.38 -4.96
N LEU A 136 -8.59 -0.93 -5.24
CA LEU A 136 -9.67 -1.43 -6.10
C LEU A 136 -11.03 -1.17 -5.47
N ALA A 137 -11.15 -1.37 -4.15
CA ALA A 137 -12.43 -1.14 -3.48
C ALA A 137 -12.86 0.32 -3.55
N GLU A 138 -11.90 1.26 -3.55
CA GLU A 138 -12.25 2.68 -3.57
C GLU A 138 -13.09 3.06 -4.79
N VAL A 139 -12.89 2.38 -5.92
CA VAL A 139 -13.60 2.68 -7.16
C VAL A 139 -14.63 1.63 -7.50
N ALA A 140 -14.80 0.61 -6.68
CA ALA A 140 -15.70 -0.47 -6.99
C ALA A 140 -17.13 -0.08 -6.67
N THR A 141 -18.06 -0.48 -7.53
CA THR A 141 -19.47 -0.13 -7.39
C THR A 141 -20.40 -1.22 -7.87
N GLY A 142 -19.88 -2.34 -8.35
CA GLY A 142 -20.65 -3.38 -8.98
C GLY A 142 -20.91 -4.56 -8.07
N ASP A 143 -21.13 -5.71 -8.70
CA ASP A 143 -21.48 -6.94 -7.98
C ASP A 143 -20.29 -7.52 -7.21
N ASP A 144 -19.14 -6.84 -7.21
CA ASP A 144 -17.94 -7.39 -6.61
C ASP A 144 -17.28 -6.43 -5.62
N LYS A 145 -17.87 -5.27 -5.33
CA LYS A 145 -17.27 -4.45 -4.28
C LYS A 145 -17.13 -5.26 -3.00
N LYS A 146 -18.15 -6.07 -2.67
CA LYS A 146 -18.06 -6.87 -1.45
C LYS A 146 -16.93 -7.87 -1.51
N ARG A 147 -16.76 -8.56 -2.65
CA ARG A 147 -15.69 -9.55 -2.71
C ARG A 147 -14.32 -8.88 -2.66
N ILE A 148 -14.20 -7.70 -3.27
CA ILE A 148 -12.92 -6.99 -3.23
C ILE A 148 -12.58 -6.55 -1.82
N ILE A 149 -13.58 -6.05 -1.09
CA ILE A 149 -13.38 -5.63 0.29
C ILE A 149 -12.96 -6.81 1.14
N ASP A 150 -13.59 -7.97 0.93
CA ASP A 150 -13.18 -9.13 1.71
C ASP A 150 -11.78 -9.60 1.36
N SER A 151 -11.38 -9.46 0.09
CA SER A 151 -10.01 -9.77 -0.29
C SER A 151 -9.03 -8.85 0.41
N ALA A 152 -9.35 -7.55 0.47
CA ALA A 152 -8.46 -6.63 1.21
C ALA A 152 -8.40 -7.03 2.69
N ARG A 153 -9.55 -7.27 3.30
N ARG A 153 -9.55 -7.26 3.29
CA ARG A 153 -9.60 -7.58 4.73
CA ARG A 153 -9.61 -7.59 4.72
C ARG A 153 -8.81 -8.85 5.03
C ARG A 153 -8.80 -8.85 5.03
N SER A 154 -8.93 -9.87 4.18
CA SER A 154 -8.27 -11.13 4.45
C SER A 154 -6.75 -11.00 4.40
N ALA A 155 -6.25 -10.22 3.44
CA ALA A 155 -4.80 -9.99 3.33
C ALA A 155 -4.28 -9.23 4.54
N TYR A 156 -4.95 -8.14 4.90
CA TYR A 156 -4.56 -7.37 6.09
C TYR A 156 -4.61 -8.24 7.33
N GLN A 157 -5.65 -9.07 7.46
CA GLN A 157 -5.79 -9.88 8.66
C GLN A 157 -4.67 -10.90 8.77
N GLU A 158 -4.33 -11.57 7.67
CA GLU A 158 -3.20 -12.51 7.72
C GLU A 158 -1.92 -11.78 8.11
N ALA A 159 -1.70 -10.59 7.54
CA ALA A 159 -0.51 -9.80 7.89
C ALA A 159 -0.50 -9.41 9.37
N MET A 160 -1.64 -8.97 9.91
CA MET A 160 -1.73 -8.65 11.34
C MET A 160 -1.36 -9.84 12.18
N ASP A 161 -1.96 -11.00 11.89
CA ASP A 161 -1.71 -12.18 12.71
C ASP A 161 -0.22 -12.51 12.78
N ILE A 162 0.47 -12.49 11.63
CA ILE A 162 1.90 -12.74 11.61
C ILE A 162 2.67 -11.66 12.37
N SER A 163 2.30 -10.39 12.17
CA SER A 163 3.06 -9.30 12.78
C SER A 163 2.92 -9.31 14.30
N LYS A 164 1.74 -9.70 14.80
CA LYS A 164 1.56 -9.79 16.25
C LYS A 164 2.39 -10.92 16.84
N LYS A 165 2.58 -12.00 16.10
CA LYS A 165 3.34 -13.14 16.60
C LYS A 165 4.85 -12.95 16.45
N GLU A 166 5.29 -12.22 15.42
CA GLU A 166 6.69 -12.26 15.01
C GLU A 166 7.44 -10.94 15.08
N MET A 167 6.78 -9.83 15.35
CA MET A 167 7.45 -8.53 15.30
C MET A 167 7.16 -7.79 16.59
N PRO A 168 8.09 -6.95 17.06
CA PRO A 168 7.80 -6.14 18.25
C PRO A 168 6.79 -5.06 17.91
N PRO A 169 6.11 -4.50 18.92
CA PRO A 169 5.05 -3.52 18.66
C PRO A 169 5.53 -2.25 18.03
N THR A 170 6.84 -1.95 18.10
CA THR A 170 7.38 -0.75 17.47
C THR A 170 7.88 -1.00 16.04
N ASN A 171 7.83 -2.22 15.54
CA ASN A 171 8.37 -2.48 14.21
C ASN A 171 7.68 -1.60 13.16
N PRO A 172 8.42 -0.83 12.37
CA PRO A 172 7.75 0.09 11.42
C PRO A 172 6.83 -0.58 10.43
N ILE A 173 7.17 -1.78 9.97
CA ILE A 173 6.25 -2.53 9.10
C ILE A 173 4.97 -2.88 9.85
N ARG A 174 5.09 -3.36 11.09
CA ARG A 174 3.89 -3.66 11.88
C ARG A 174 3.06 -2.41 12.10
N LEU A 175 3.70 -1.27 12.36
CA LEU A 175 2.96 -0.03 12.61
C LEU A 175 2.26 0.49 11.35
N GLY A 176 2.95 0.44 10.21
CA GLY A 176 2.34 0.92 8.97
C GLY A 176 1.24 0.02 8.49
N LEU A 177 1.38 -1.29 8.71
CA LEU A 177 0.27 -2.21 8.44
C LEU A 177 -0.95 -1.85 9.29
N ALA A 178 -0.76 -1.63 10.58
CA ALA A 178 -1.90 -1.30 11.43
C ALA A 178 -2.50 0.05 11.02
N LEU A 179 -1.65 1.01 10.67
CA LEU A 179 -2.16 2.30 10.19
C LEU A 179 -3.07 2.10 8.97
N ASN A 180 -2.60 1.35 7.96
CA ASN A 180 -3.39 1.19 6.74
C ASN A 180 -4.62 0.33 6.98
N PHE A 181 -4.51 -0.70 7.84
CA PHE A 181 -5.71 -1.50 8.14
C PHE A 181 -6.75 -0.63 8.85
N SER A 182 -6.29 0.27 9.71
N SER A 182 -6.29 0.30 9.71
CA SER A 182 -7.21 1.19 10.37
CA SER A 182 -7.26 1.16 10.36
C SER A 182 -7.90 2.09 9.36
C SER A 182 -7.92 2.08 9.34
N VAL A 183 -7.15 2.56 8.36
CA VAL A 183 -7.75 3.37 7.29
C VAL A 183 -8.74 2.52 6.50
N PHE A 184 -8.41 1.25 6.23
CA PHE A 184 -9.35 0.34 5.59
C PHE A 184 -10.66 0.29 6.39
N HIS A 185 -10.56 0.10 7.72
CA HIS A 185 -11.77 0.00 8.53
C HIS A 185 -12.60 1.27 8.43
N TYR A 186 -11.93 2.42 8.46
CA TYR A 186 -12.66 3.69 8.52
C TYR A 186 -13.26 4.03 7.17
N GLU A 187 -12.48 3.88 6.11
CA GLU A 187 -12.85 4.44 4.83
C GLU A 187 -13.56 3.45 3.92
N ILE A 188 -13.30 2.16 4.06
CA ILE A 188 -13.81 1.14 3.15
C ILE A 188 -14.89 0.30 3.81
N ALA A 189 -14.63 -0.19 5.02
CA ALA A 189 -15.46 -1.18 5.68
C ALA A 189 -16.57 -0.56 6.51
N ASN A 190 -16.63 0.76 6.58
CA ASN A 190 -17.66 1.48 7.37
C ASN A 190 -17.63 0.99 8.81
N SER A 191 -16.43 0.84 9.37
CA SER A 191 -16.25 0.41 10.75
C SER A 191 -15.36 1.40 11.49
N PRO A 192 -15.83 2.64 11.69
CA PRO A 192 -14.97 3.64 12.35
C PRO A 192 -14.59 3.27 13.77
N GLU A 193 -15.45 2.56 14.51
CA GLU A 193 -15.05 2.16 15.85
C GLU A 193 -13.90 1.16 15.82
N GLU A 194 -13.94 0.23 14.86
CA GLU A 194 -12.82 -0.69 14.73
C GLU A 194 -11.55 0.06 14.35
N ALA A 195 -11.66 1.05 13.47
CA ALA A 195 -10.51 1.85 13.06
C ALA A 195 -9.89 2.59 14.24
N ILE A 196 -10.72 3.24 15.04
CA ILE A 196 -10.24 3.98 16.20
C ILE A 196 -9.63 3.03 17.23
N SER A 197 -10.29 1.91 17.51
N SER A 197 -10.29 1.91 17.51
CA SER A 197 -9.75 0.96 18.47
CA SER A 197 -9.76 0.96 18.48
C SER A 197 -8.40 0.45 18.03
C SER A 197 -8.42 0.41 18.04
N LEU A 198 -8.29 0.06 16.77
CA LEU A 198 -7.00 -0.46 16.28
C LEU A 198 -5.91 0.59 16.38
N ALA A 199 -6.19 1.82 15.93
CA ALA A 199 -5.16 2.86 15.96
C ALA A 199 -4.75 3.15 17.38
N LYS A 200 -5.70 3.14 18.32
CA LYS A 200 -5.36 3.51 19.69
C LYS A 200 -4.58 2.38 20.38
N THR A 201 -5.01 1.13 20.21
CA THR A 201 -4.24 0.00 20.78
C THR A 201 -2.85 -0.10 20.15
N THR A 202 -2.76 0.14 18.85
CA THR A 202 -1.43 0.09 18.21
C THR A 202 -0.52 1.17 18.77
N PHE A 203 -1.05 2.37 18.94
CA PHE A 203 -0.23 3.47 19.45
C PHE A 203 0.24 3.19 20.87
N ASP A 204 -0.68 2.75 21.72
CA ASP A 204 -0.36 2.51 23.13
C ASP A 204 0.64 1.38 23.29
N GLU A 205 0.50 0.31 22.52
CA GLU A 205 1.46 -0.79 22.68
C GLU A 205 2.83 -0.40 22.13
N ALA A 206 2.88 0.47 21.11
CA ALA A 206 4.18 0.95 20.65
C ALA A 206 4.81 1.88 21.68
N MET A 207 4.03 2.78 22.27
CA MET A 207 4.57 3.68 23.27
C MET A 207 5.28 2.92 24.38
N ALA A 208 4.70 1.81 24.81
CA ALA A 208 5.22 1.01 25.92
C ALA A 208 6.48 0.24 25.56
N ASP A 209 6.81 0.13 24.26
CA ASP A 209 7.98 -0.59 23.78
C ASP A 209 9.10 0.35 23.35
N LEU A 210 8.88 1.68 23.39
CA LEU A 210 9.88 2.61 22.87
C LEU A 210 11.17 2.57 23.68
N HIS A 211 11.07 2.23 24.97
CA HIS A 211 12.26 2.22 25.82
C HIS A 211 13.33 1.25 25.33
N THR A 212 12.95 0.26 24.52
CA THR A 212 13.89 -0.75 24.06
C THR A 212 14.73 -0.30 22.87
N LEU A 213 14.42 0.85 22.28
CA LEU A 213 14.94 1.21 20.96
C LEU A 213 16.14 2.14 21.04
N SER A 214 16.97 2.08 20.00
CA SER A 214 18.03 3.04 19.79
C SER A 214 17.45 4.37 19.34
N GLU A 215 18.30 5.41 19.36
CA GLU A 215 17.87 6.73 18.90
C GLU A 215 17.30 6.70 17.49
N ASP A 216 17.93 5.96 16.57
CA ASP A 216 17.44 5.95 15.20
C ASP A 216 16.15 5.13 15.04
N SER A 217 16.06 3.98 15.71
CA SER A 217 14.82 3.20 15.67
C SER A 217 13.69 3.95 16.36
N TYR A 218 14.01 4.67 17.43
CA TYR A 218 13.02 5.52 18.09
C TYR A 218 12.43 6.53 17.12
N LYS A 219 13.29 7.19 16.31
CA LYS A 219 12.79 8.14 15.32
C LYS A 219 11.91 7.45 14.28
N ASP A 220 12.33 6.29 13.80
CA ASP A 220 11.53 5.56 12.81
C ASP A 220 10.13 5.26 13.35
N SER A 221 10.07 4.74 14.58
CA SER A 221 8.78 4.33 15.15
C SER A 221 7.92 5.53 15.54
N THR A 222 8.51 6.56 16.17
CA THR A 222 7.66 7.65 16.61
C THR A 222 7.08 8.41 15.42
N LEU A 223 7.79 8.41 14.29
CA LEU A 223 7.26 9.05 13.11
C LEU A 223 5.94 8.41 12.68
N ILE A 224 5.88 7.08 12.71
CA ILE A 224 4.64 6.41 12.31
C ILE A 224 3.60 6.51 13.40
N MET A 225 4.02 6.49 14.68
CA MET A 225 3.03 6.69 15.73
C MET A 225 2.34 8.04 15.58
N GLN A 226 3.06 9.07 15.12
CA GLN A 226 2.41 10.37 14.94
C GLN A 226 1.31 10.29 13.88
N LEU A 227 1.51 9.49 12.84
CA LEU A 227 0.46 9.31 11.83
C LEU A 227 -0.78 8.64 12.42
N LEU A 228 -0.58 7.63 13.29
CA LEU A 228 -1.73 7.05 13.99
C LEU A 228 -2.44 8.11 14.83
N ARG A 229 -1.67 8.91 15.57
CA ARG A 229 -2.26 9.98 16.39
C ARG A 229 -3.02 10.99 15.53
N ASP A 230 -2.44 11.38 14.39
CA ASP A 230 -3.11 12.32 13.49
C ASP A 230 -4.46 11.80 13.06
N ASN A 231 -4.54 10.53 12.68
CA ASN A 231 -5.81 9.93 12.31
C ASN A 231 -6.79 9.94 13.47
N LEU A 232 -6.34 9.52 14.66
CA LEU A 232 -7.24 9.54 15.82
C LEU A 232 -7.79 10.93 16.07
N THR A 233 -6.95 11.96 15.91
CA THR A 233 -7.41 13.35 16.10
C THR A 233 -8.46 13.72 15.06
N LEU A 234 -8.30 13.22 13.85
CA LEU A 234 -9.30 13.49 12.82
C LEU A 234 -10.59 12.71 13.08
N TRP A 235 -10.51 11.53 13.68
CA TRP A 235 -11.65 10.62 13.82
C TRP A 235 -12.42 10.81 15.13
N THR A 236 -11.85 11.54 16.07
CA THR A 236 -12.47 11.72 17.36
C THR A 236 -12.60 13.22 17.70
N ALA B 5 -7.98 11.09 6.27
CA ALA B 5 -7.26 10.04 7.00
C ALA B 5 -6.04 9.58 6.19
N GLY B 6 -4.85 9.63 6.80
CA GLY B 6 -3.65 9.30 6.07
C GLY B 6 -3.21 7.86 6.20
N SEP B 7 -2.82 7.27 5.08
CA SEP B 7 -2.16 5.97 5.09
CB SEP B 7 -2.57 5.15 3.86
OG SEP B 7 -2.30 5.92 2.71
C SEP B 7 -0.67 6.19 5.11
O SEP B 7 -0.18 7.32 5.11
P SEP B 7 -2.94 5.31 1.38
O1P SEP B 7 -4.50 5.49 1.40
O2P SEP B 7 -2.33 6.29 0.26
O3P SEP B 7 -2.42 3.84 1.15
N ILE B 8 0.10 5.11 5.08
CA ILE B 8 1.55 5.22 5.26
C ILE B 8 2.23 5.70 3.96
N PRO B 9 3.16 6.63 4.09
CA PRO B 9 4.02 7.01 2.95
C PRO B 9 5.20 6.07 2.77
N GLY B 10 5.76 6.07 1.55
CA GLY B 10 6.83 5.13 1.25
C GLY B 10 8.18 5.52 1.84
N ARG B 11 8.49 6.81 1.82
CA ARG B 11 9.79 7.33 2.25
C ARG B 11 9.67 8.29 3.44
CL CL C . -11.75 9.25 -22.62
C01 V2W D . 5.48 11.41 7.88
C03 V2W D . 6.16 9.13 7.90
C04 V2W D . 6.25 7.89 8.53
C05 V2W D . 7.04 6.89 7.98
C06 V2W D . 7.74 7.13 6.80
C07 V2W D . 7.65 8.36 6.18
C08 V2W D . 6.87 9.36 6.72
C09 V2W D . 8.62 6.04 6.19
C11 V2W D . 7.93 3.64 6.61
C12 V2W D . 7.04 2.47 6.22
C13 V2W D . 6.54 1.64 7.20
C14 V2W D . 5.71 0.59 6.82
C15 V2W D . 5.39 0.38 5.49
C16 V2W D . 5.91 1.21 4.52
C17 V2W D . 6.72 2.28 4.88
C18 V2W D . 4.49 -0.81 5.09
N10 V2W D . 7.81 4.87 5.87
O02 V2W D . 5.37 10.14 8.47
O19 V2W D . 8.69 3.51 7.53
MG MG E . 21.73 -12.06 -15.18
CL CL F . 11.96 -17.66 0.79
C1 GOL G . 7.45 9.19 -1.88
O1 GOL G . 7.88 8.06 -2.53
C2 GOL G . 6.35 8.70 -0.91
O2 GOL G . 6.07 7.35 -1.13
C3 GOL G . 6.94 8.96 0.47
O3 GOL G . 6.53 10.23 0.89
#